data_6CFN
#
_entry.id   6CFN
#
_cell.length_a   65.803
_cell.length_b   65.432
_cell.length_c   72.659
_cell.angle_alpha   71.27
_cell.angle_beta   84.96
_cell.angle_gamma   68.44
#
_symmetry.space_group_name_H-M   'P 1'
#
loop_
_entity.id
_entity.type
_entity.pdbx_description
1 polymer 'Glucocorticoid receptor'
2 non-polymer 'ZINC ION'
3 water water
#
_entity_poly.entity_id   1
_entity_poly.type   'polypeptide(L)'
_entity_poly.pdbx_seq_one_letter_code
;SPKLCLVCSDEASGCHYGVLTCGSCKVFFKRAVEGQHNYLCAGRNDCIIDKIRRKNCPACRYRKCLQAGMNLEARKTKKK
IKGIQQATTG
;
_entity_poly.pdbx_strand_id   A,B,C,D,E,F,G,H
#
# COMPACT_ATOMS: atom_id res chain seq x y z
N LYS A 3 -4.86 -2.82 -30.45
CA LYS A 3 -4.23 -3.43 -31.63
C LYS A 3 -3.12 -2.58 -32.29
N LEU A 4 -3.27 -1.25 -32.31
CA LEU A 4 -2.42 -0.37 -33.11
C LEU A 4 -1.50 0.49 -32.27
N CYS A 5 -0.28 0.70 -32.77
CA CYS A 5 0.63 1.64 -32.14
C CYS A 5 0.00 3.03 -32.12
N LEU A 6 0.16 3.73 -31.00
CA LEU A 6 -0.54 5.00 -30.81
C LEU A 6 0.19 6.14 -31.47
N VAL A 7 1.47 5.95 -31.75
CA VAL A 7 2.23 6.95 -32.47
C VAL A 7 2.02 6.83 -33.98
N CYS A 8 2.26 5.65 -34.55
CA CYS A 8 2.35 5.58 -36.00
C CYS A 8 1.27 4.76 -36.65
N SER A 9 0.39 4.11 -35.86
CA SER A 9 -0.78 3.34 -36.30
C SER A 9 -0.46 1.95 -36.84
N ASP A 10 0.80 1.53 -36.88
CA ASP A 10 1.05 0.14 -37.19
C ASP A 10 0.61 -0.75 -36.00
N GLU A 11 0.55 -2.06 -36.24
CA GLU A 11 0.13 -2.97 -35.18
C GLU A 11 1.08 -2.84 -33.99
N ALA A 12 0.51 -2.68 -32.80
CA ALA A 12 1.34 -2.52 -31.62
C ALA A 12 2.05 -3.82 -31.29
N SER A 13 3.13 -3.71 -30.53
CA SER A 13 3.91 -4.84 -30.06
C SER A 13 3.80 -5.05 -28.55
N GLY A 14 3.47 -4.00 -27.80
CA GLY A 14 3.46 -4.09 -26.35
C GLY A 14 3.25 -2.73 -25.70
N CYS A 15 3.60 -2.65 -24.42
CA CYS A 15 3.52 -1.44 -23.62
C CYS A 15 4.94 -1.02 -23.32
N HIS A 16 5.36 0.10 -23.89
CA HIS A 16 6.70 0.63 -23.73
C HIS A 16 6.60 2.08 -23.34
N TYR A 17 7.29 2.44 -22.25
CA TYR A 17 7.29 3.81 -21.77
C TYR A 17 5.87 4.29 -21.52
N GLY A 18 5.02 3.39 -21.04
CA GLY A 18 3.69 3.74 -20.60
C GLY A 18 2.58 3.59 -21.61
N VAL A 19 2.88 3.48 -22.91
CA VAL A 19 1.82 3.47 -23.91
C VAL A 19 2.04 2.35 -24.92
N LEU A 20 0.96 2.04 -25.61
CA LEU A 20 0.88 0.91 -26.52
C LEU A 20 1.50 1.31 -27.87
N THR A 21 2.61 0.67 -28.21
CA THR A 21 3.41 1.11 -29.33
C THR A 21 3.87 -0.08 -30.13
N CYS A 22 4.41 0.20 -31.32
CA CYS A 22 5.14 -0.81 -32.08
C CYS A 22 6.58 -0.88 -31.60
N GLY A 23 7.25 -1.96 -31.99
CA GLY A 23 8.68 -2.06 -31.70
C GLY A 23 9.50 -0.95 -32.34
N SER A 24 9.03 -0.40 -33.46
CA SER A 24 9.83 0.62 -34.12
C SER A 24 9.84 1.91 -33.31
N CYS A 25 8.66 2.35 -32.85
CA CYS A 25 8.62 3.56 -32.05
C CYS A 25 9.22 3.35 -30.66
N LYS A 26 9.23 2.10 -30.18
CA LYS A 26 9.96 1.81 -28.95
C LYS A 26 11.42 2.21 -29.07
N VAL A 27 12.07 1.81 -30.16
CA VAL A 27 13.50 2.05 -30.29
C VAL A 27 13.80 3.49 -30.72
N PHE A 28 12.98 4.07 -31.60
CA PHE A 28 13.10 5.50 -31.88
C PHE A 28 13.14 6.31 -30.59
N PHE A 29 12.14 6.13 -29.74
CA PHE A 29 12.09 6.88 -28.48
C PHE A 29 13.26 6.53 -27.58
N LYS A 30 13.59 5.24 -27.47
CA LYS A 30 14.76 4.87 -26.68
C LYS A 30 15.98 5.62 -27.18
N ARG A 31 16.25 5.54 -28.48
CA ARG A 31 17.42 6.21 -29.04
C ARG A 31 17.32 7.73 -28.97
N ALA A 32 16.11 8.29 -28.90
CA ALA A 32 15.98 9.75 -28.85
C ALA A 32 16.37 10.30 -27.49
N VAL A 33 15.90 9.68 -26.41
CA VAL A 33 16.24 10.13 -25.06
C VAL A 33 17.65 9.76 -24.63
N GLU A 34 18.32 8.83 -25.34
CA GLU A 34 19.70 8.46 -25.02
C GLU A 34 20.73 9.34 -25.72
N GLY A 35 20.39 9.92 -26.86
CA GLY A 35 21.27 10.89 -27.51
C GLY A 35 20.77 12.32 -27.37
N GLN A 36 19.60 12.52 -26.77
CA GLN A 36 19.01 13.85 -26.51
C GLN A 36 18.96 14.70 -27.78
N HIS A 37 18.44 14.07 -28.83
CA HIS A 37 18.52 14.63 -30.17
C HIS A 37 17.71 15.91 -30.29
N ASN A 38 18.24 16.82 -31.12
CA ASN A 38 17.70 18.15 -31.42
C ASN A 38 16.70 18.13 -32.55
N TYR A 39 15.71 17.25 -32.52
CA TYR A 39 14.85 17.15 -33.70
C TYR A 39 14.09 18.45 -33.93
N LEU A 40 14.23 19.00 -35.12
CA LEU A 40 13.43 20.13 -35.57
C LEU A 40 12.64 19.72 -36.80
N CYS A 41 11.47 20.32 -36.95
CA CYS A 41 10.59 20.01 -38.06
C CYS A 41 10.71 21.10 -39.12
N ALA A 42 11.11 20.70 -40.33
CA ALA A 42 11.20 21.62 -41.45
C ALA A 42 9.84 22.15 -41.87
N GLY A 43 8.77 21.49 -41.45
CA GLY A 43 7.44 21.91 -41.80
C GLY A 43 6.80 22.73 -40.71
N ARG A 44 5.51 22.53 -40.51
CA ARG A 44 4.72 23.37 -39.64
C ARG A 44 4.21 22.57 -38.44
N ASN A 45 4.97 21.55 -38.06
CA ASN A 45 4.64 20.62 -36.99
C ASN A 45 3.34 19.86 -37.24
N ASP A 46 3.08 19.49 -38.48
CA ASP A 46 1.83 18.81 -38.81
C ASP A 46 2.09 17.63 -39.74
N CYS A 47 3.28 17.02 -39.67
CA CYS A 47 3.59 15.87 -40.52
C CYS A 47 2.72 14.69 -40.11
N ILE A 48 2.17 13.98 -41.10
CA ILE A 48 1.49 12.73 -40.78
C ILE A 48 2.54 11.73 -40.32
N ILE A 49 2.24 11.02 -39.24
CA ILE A 49 3.11 9.96 -38.75
C ILE A 49 2.37 8.63 -38.92
N ASP A 50 2.70 7.90 -39.97
CA ASP A 50 2.19 6.55 -40.20
C ASP A 50 3.36 5.66 -40.65
N LYS A 51 3.09 4.35 -40.78
CA LYS A 51 4.15 3.37 -41.03
C LYS A 51 5.08 3.80 -42.16
N ILE A 52 4.51 4.31 -43.25
CA ILE A 52 5.31 4.67 -44.41
C ILE A 52 6.06 6.00 -44.18
N ARG A 53 5.46 6.94 -43.48
CA ARG A 53 6.04 8.28 -43.41
C ARG A 53 6.74 8.59 -42.09
N ARG A 54 6.65 7.71 -41.11
CA ARG A 54 7.18 8.01 -39.78
C ARG A 54 8.66 8.42 -39.81
N LYS A 55 9.42 7.91 -40.77
CA LYS A 55 10.84 8.23 -40.77
C LYS A 55 11.13 9.62 -41.31
N ASN A 56 10.13 10.29 -41.90
CA ASN A 56 10.35 11.52 -42.64
C ASN A 56 10.68 12.71 -41.76
N CYS A 57 10.25 12.69 -40.49
CA CYS A 57 10.36 13.87 -39.62
C CYS A 57 10.42 13.39 -38.19
N PRO A 58 11.62 13.09 -37.69
CA PRO A 58 11.73 12.61 -36.31
C PRO A 58 11.17 13.60 -35.31
N ALA A 59 11.22 14.89 -35.62
CA ALA A 59 10.62 15.89 -34.75
C ALA A 59 9.13 15.60 -34.54
N CYS A 60 8.38 15.51 -35.64
CA CYS A 60 6.94 15.30 -35.52
C CYS A 60 6.65 13.95 -34.89
N ARG A 61 7.42 12.93 -35.23
CA ARG A 61 7.24 11.65 -34.55
C ARG A 61 7.60 11.76 -33.08
N TYR A 62 8.61 12.56 -32.76
CA TYR A 62 8.91 12.78 -31.35
C TYR A 62 7.73 13.43 -30.65
N ARG A 63 7.20 14.53 -31.22
CA ARG A 63 6.09 15.18 -30.52
C ARG A 63 4.89 14.26 -30.36
N LYS A 64 4.71 13.29 -31.26
CA LYS A 64 3.59 12.38 -31.10
C LYS A 64 3.77 11.47 -29.91
N CYS A 65 4.97 10.91 -29.72
CA CYS A 65 5.19 10.06 -28.54
C CYS A 65 4.85 10.83 -27.27
N LEU A 66 5.36 12.06 -27.15
CA LEU A 66 5.01 12.88 -26.00
C LEU A 66 3.50 13.08 -25.93
N GLN A 67 2.91 13.54 -27.05
CA GLN A 67 1.46 13.73 -27.12
C GLN A 67 0.73 12.47 -26.64
N ALA A 68 1.15 11.31 -27.14
CA ALA A 68 0.53 10.07 -26.66
C ALA A 68 0.95 9.67 -25.27
N GLY A 69 1.91 10.37 -24.67
CA GLY A 69 2.25 10.14 -23.28
C GLY A 69 3.36 9.15 -22.99
N MET A 70 4.26 8.89 -23.93
CA MET A 70 5.45 8.13 -23.55
C MET A 70 6.33 8.98 -22.62
N ASN A 71 7.10 8.28 -21.77
CA ASN A 71 8.02 8.93 -20.85
C ASN A 71 9.06 7.93 -20.36
N LEU A 72 10.27 8.43 -20.13
CA LEU A 72 11.33 7.59 -19.55
C LEU A 72 10.98 7.12 -18.14
N GLU A 73 10.15 7.88 -17.43
CA GLU A 73 9.79 7.53 -16.06
C GLU A 73 9.15 6.16 -15.97
N ALA A 74 8.39 5.77 -16.99
CA ALA A 74 7.66 4.51 -16.93
C ALA A 74 8.60 3.31 -17.00
N ARG A 75 9.58 3.33 -17.92
CA ARG A 75 10.43 2.17 -18.10
C ARG A 75 11.37 1.96 -16.92
N LYS A 76 11.94 3.06 -16.39
CA LYS A 76 12.79 2.94 -15.21
C LYS A 76 12.06 2.25 -14.06
N THR A 77 10.88 2.76 -13.69
CA THR A 77 10.13 2.20 -12.57
C THR A 77 9.68 0.77 -12.85
N LYS A 78 9.39 0.42 -14.11
CA LYS A 78 8.89 -0.93 -14.40
C LYS A 78 10.00 -1.97 -14.31
N LYS A 79 11.24 -1.60 -14.63
CA LYS A 79 12.36 -2.51 -14.44
C LYS A 79 12.79 -2.60 -12.99
N LYS A 80 12.47 -1.60 -12.16
CA LYS A 80 12.75 -1.67 -10.73
C LYS A 80 11.70 -2.52 -10.01
N ILE A 81 10.44 -2.42 -10.42
CA ILE A 81 9.38 -3.24 -9.83
C ILE A 81 9.65 -4.72 -10.10
N LYS A 82 10.19 -5.04 -11.27
CA LYS A 82 10.51 -6.41 -11.66
C LYS A 82 11.69 -6.97 -10.86
N LYS B 3 -0.16 15.63 -2.77
CA LYS B 3 1.22 15.21 -2.91
C LYS B 3 1.81 15.50 -4.29
N LEU B 4 0.99 15.92 -5.25
CA LEU B 4 1.49 16.39 -6.54
C LEU B 4 1.24 17.88 -6.75
N CYS B 5 2.13 18.50 -7.53
CA CYS B 5 2.06 19.92 -7.82
C CYS B 5 0.82 20.24 -8.65
N LEU B 6 0.09 21.26 -8.25
CA LEU B 6 -1.22 21.46 -8.85
C LEU B 6 -1.17 22.22 -10.17
N VAL B 7 0.02 22.51 -10.69
CA VAL B 7 0.14 23.15 -11.99
C VAL B 7 0.73 22.21 -13.03
N CYS B 8 1.68 21.34 -12.65
CA CYS B 8 2.41 20.54 -13.62
C CYS B 8 2.46 19.05 -13.30
N SER B 9 1.83 18.61 -12.20
CA SER B 9 1.70 17.21 -11.80
C SER B 9 3.04 16.54 -11.47
N ASP B 10 4.12 17.29 -11.36
CA ASP B 10 5.33 16.75 -10.80
C ASP B 10 5.17 16.51 -9.31
N GLU B 11 6.20 15.90 -8.70
CA GLU B 11 6.24 15.74 -7.26
C GLU B 11 6.17 17.10 -6.58
N ALA B 12 5.19 17.29 -5.71
CA ALA B 12 5.08 18.54 -4.98
C ALA B 12 6.17 18.62 -3.91
N SER B 13 6.71 19.81 -3.71
CA SER B 13 7.66 20.06 -2.65
C SER B 13 7.07 20.78 -1.45
N GLY B 14 6.15 21.72 -1.69
CA GLY B 14 5.49 22.41 -0.60
C GLY B 14 4.45 23.42 -1.02
N CYS B 15 4.26 24.41 -0.15
CA CYS B 15 3.35 25.50 -0.38
C CYS B 15 4.15 26.70 -0.81
N HIS B 16 3.83 27.25 -1.98
CA HIS B 16 4.51 28.44 -2.47
C HIS B 16 3.47 29.37 -3.07
N TYR B 17 3.43 30.60 -2.59
CA TYR B 17 2.42 31.57 -3.04
C TYR B 17 1.02 31.01 -2.85
N GLY B 18 0.88 30.20 -1.80
CA GLY B 18 -0.40 29.70 -1.37
C GLY B 18 -0.91 28.47 -2.07
N VAL B 19 -0.08 27.83 -2.89
CA VAL B 19 -0.52 26.71 -3.71
C VAL B 19 0.48 25.57 -3.55
N LEU B 20 -0.01 24.34 -3.70
CA LEU B 20 0.84 23.15 -3.61
C LEU B 20 1.54 22.96 -4.95
N THR B 21 2.85 23.22 -4.98
CA THR B 21 3.57 23.26 -6.24
C THR B 21 4.92 22.57 -6.09
N CYS B 22 5.54 22.29 -7.24
CA CYS B 22 6.91 21.83 -7.30
C CYS B 22 7.87 23.03 -7.23
N GLY B 23 9.12 22.74 -6.91
CA GLY B 23 10.11 23.81 -6.82
C GLY B 23 10.34 24.54 -8.13
N SER B 24 10.21 23.84 -9.25
CA SER B 24 10.36 24.49 -10.55
C SER B 24 9.26 25.53 -10.77
N CYS B 25 8.02 25.15 -10.50
CA CYS B 25 6.91 26.07 -10.71
C CYS B 25 7.00 27.31 -9.80
N LYS B 26 7.50 27.14 -8.58
CA LYS B 26 7.69 28.30 -7.69
C LYS B 26 8.55 29.36 -8.36
N VAL B 27 9.71 28.96 -8.87
CA VAL B 27 10.64 29.91 -9.48
C VAL B 27 9.99 30.58 -10.69
N PHE B 28 9.46 29.76 -11.61
CA PHE B 28 8.80 30.27 -12.81
C PHE B 28 7.75 31.31 -12.46
N PHE B 29 6.98 31.06 -11.41
CA PHE B 29 5.97 32.03 -11.08
C PHE B 29 6.61 33.29 -10.55
N LYS B 30 7.58 33.13 -9.66
CA LYS B 30 8.25 34.30 -9.10
C LYS B 30 8.86 35.14 -10.21
N ARG B 31 9.63 34.51 -11.11
CA ARG B 31 10.27 35.28 -12.17
C ARG B 31 9.24 35.87 -13.12
N ALA B 32 8.13 35.16 -13.39
CA ALA B 32 7.13 35.69 -14.32
C ALA B 32 6.47 36.96 -13.76
N VAL B 33 5.94 36.86 -12.55
CA VAL B 33 5.19 37.99 -11.98
C VAL B 33 6.12 39.15 -11.66
N GLU B 34 7.36 38.87 -11.32
CA GLU B 34 8.36 39.91 -11.07
C GLU B 34 8.86 40.45 -12.42
N GLY B 35 8.50 41.70 -12.72
CA GLY B 35 8.69 42.24 -14.05
C GLY B 35 7.83 41.53 -15.07
N GLN B 36 6.66 42.10 -15.37
CA GLN B 36 5.59 41.45 -16.11
C GLN B 36 6.06 40.90 -17.46
N HIS B 37 6.17 39.58 -17.55
CA HIS B 37 6.74 38.98 -18.74
C HIS B 37 5.78 39.00 -19.93
N ASN B 38 4.47 38.94 -19.65
CA ASN B 38 3.43 38.94 -20.67
C ASN B 38 3.67 37.85 -21.72
N TYR B 39 3.63 36.60 -21.26
CA TYR B 39 3.75 35.51 -22.20
C TYR B 39 2.51 35.41 -23.05
N LEU B 40 2.70 35.16 -24.34
CA LEU B 40 1.62 34.69 -25.19
C LEU B 40 1.90 33.24 -25.59
N CYS B 41 0.88 32.63 -26.19
CA CYS B 41 0.89 31.22 -26.52
C CYS B 41 0.75 31.07 -28.03
N ALA B 42 1.69 30.36 -28.64
CA ALA B 42 1.60 30.08 -30.08
C ALA B 42 0.42 29.20 -30.43
N GLY B 43 -0.14 28.46 -29.45
CA GLY B 43 -1.22 27.52 -29.69
C GLY B 43 -2.61 28.13 -29.61
N ARG B 44 -3.57 27.38 -29.04
CA ARG B 44 -4.92 27.88 -28.76
C ARG B 44 -5.12 28.17 -27.29
N ASN B 45 -4.05 28.40 -26.53
CA ASN B 45 -4.16 28.62 -25.09
C ASN B 45 -4.62 27.38 -24.34
N ASP B 46 -4.33 26.18 -24.84
CA ASP B 46 -4.75 24.99 -24.12
C ASP B 46 -3.63 23.95 -24.01
N CYS B 47 -2.37 24.38 -23.88
CA CYS B 47 -1.29 23.39 -23.83
C CYS B 47 -1.44 22.48 -22.62
N ILE B 48 -0.99 21.23 -22.76
CA ILE B 48 -0.80 20.40 -21.58
C ILE B 48 0.45 20.86 -20.85
N ILE B 49 0.37 20.92 -19.54
CA ILE B 49 1.50 21.34 -18.73
C ILE B 49 1.84 20.15 -17.83
N ASP B 50 2.95 19.50 -18.13
CA ASP B 50 3.40 18.23 -17.57
C ASP B 50 4.82 18.43 -17.08
N LYS B 51 5.32 17.44 -16.34
CA LYS B 51 6.72 17.50 -15.94
C LYS B 51 7.66 17.61 -17.15
N ILE B 52 7.35 16.91 -18.26
CA ILE B 52 8.26 16.95 -19.41
C ILE B 52 7.95 18.03 -20.43
N ARG B 53 6.77 18.67 -20.38
CA ARG B 53 6.44 19.68 -21.38
C ARG B 53 6.30 21.09 -20.83
N ARG B 54 6.31 21.28 -19.50
CA ARG B 54 5.96 22.56 -18.92
C ARG B 54 6.84 23.71 -19.44
N LYS B 55 8.08 23.44 -19.88
CA LYS B 55 8.88 24.56 -20.37
C LYS B 55 8.42 25.09 -21.73
N ASN B 56 7.49 24.42 -22.42
CA ASN B 56 7.27 24.78 -23.82
C ASN B 56 6.33 25.95 -24.00
N CYS B 57 5.35 26.14 -23.13
CA CYS B 57 4.43 27.27 -23.30
C CYS B 57 4.33 27.99 -21.96
N PRO B 58 5.22 28.95 -21.70
CA PRO B 58 5.14 29.71 -20.44
C PRO B 58 3.81 30.41 -20.27
N ALA B 59 3.20 30.93 -21.34
CA ALA B 59 1.89 31.53 -21.20
C ALA B 59 0.91 30.52 -20.58
N CYS B 60 0.84 29.32 -21.16
CA CYS B 60 -0.12 28.36 -20.62
C CYS B 60 0.26 27.93 -19.19
N ARG B 61 1.57 27.84 -18.89
CA ARG B 61 2.01 27.53 -17.54
C ARG B 61 1.62 28.64 -16.59
N TYR B 62 1.94 29.88 -16.95
CA TYR B 62 1.51 31.02 -16.17
C TYR B 62 0.01 30.99 -15.94
N ARG B 63 -0.75 30.69 -17.00
CA ARG B 63 -2.21 30.65 -16.88
C ARG B 63 -2.64 29.62 -15.85
N LYS B 64 -1.99 28.45 -15.81
CA LYS B 64 -2.36 27.43 -14.84
C LYS B 64 -1.97 27.81 -13.42
N CYS B 65 -0.83 28.50 -13.25
CA CYS B 65 -0.52 29.11 -11.96
C CYS B 65 -1.69 29.97 -11.48
N LEU B 66 -2.22 30.82 -12.36
CA LEU B 66 -3.33 31.67 -11.96
C LEU B 66 -4.57 30.85 -11.67
N GLN B 67 -4.88 29.87 -12.53
CA GLN B 67 -6.07 29.07 -12.29
C GLN B 67 -5.94 28.24 -11.03
N ALA B 68 -4.73 28.01 -10.54
CA ALA B 68 -4.57 27.40 -9.23
C ALA B 68 -4.46 28.43 -8.09
N GLY B 69 -4.56 29.73 -8.38
CA GLY B 69 -4.65 30.72 -7.32
C GLY B 69 -3.34 31.18 -6.73
N MET B 70 -2.22 30.97 -7.41
CA MET B 70 -0.95 31.46 -6.90
C MET B 70 -0.97 32.98 -6.75
N ASN B 71 -0.22 33.46 -5.74
CA ASN B 71 -0.24 34.87 -5.36
C ASN B 71 1.17 35.31 -4.99
N LEU B 72 1.72 36.22 -5.80
CA LEU B 72 2.86 37.09 -5.43
C LEU B 72 3.52 36.85 -4.06
N LEU C 4 2.71 15.74 5.03
CA LEU C 4 2.36 15.73 6.46
C LEU C 4 1.92 17.09 7.04
N CYS C 5 0.73 17.11 7.63
CA CYS C 5 0.14 18.34 8.15
C CYS C 5 1.09 19.01 9.11
N LEU C 6 1.21 20.33 9.00
CA LEU C 6 2.21 21.07 9.76
C LEU C 6 1.78 21.41 11.19
N VAL C 7 0.52 21.19 11.56
CA VAL C 7 0.05 21.48 12.90
C VAL C 7 -0.18 20.20 13.69
N CYS C 8 -0.73 19.16 13.07
CA CYS C 8 -1.09 17.95 13.81
C CYS C 8 -0.31 16.71 13.40
N SER C 9 0.60 16.82 12.41
CA SER C 9 1.51 15.77 11.95
C SER C 9 0.80 14.59 11.29
N ASP C 10 -0.48 14.72 10.98
CA ASP C 10 -1.19 13.70 10.22
C ASP C 10 -0.69 13.75 8.77
N GLU C 11 -1.32 12.96 7.89
CA GLU C 11 -1.11 13.15 6.47
C GLU C 11 -1.50 14.57 6.08
N ALA C 12 -0.86 15.10 5.05
CA ALA C 12 -1.26 16.38 4.51
C ALA C 12 -2.20 16.16 3.33
N SER C 13 -3.18 17.05 3.18
CA SER C 13 -4.17 16.94 2.12
C SER C 13 -4.09 18.04 1.08
N GLY C 14 -3.44 19.15 1.39
CA GLY C 14 -3.40 20.27 0.47
C GLY C 14 -2.74 21.48 1.08
N CYS C 15 -2.96 22.62 0.43
CA CYS C 15 -2.35 23.88 0.82
C CYS C 15 -3.45 24.84 1.22
N HIS C 16 -3.77 24.84 2.51
CA HIS C 16 -4.89 25.60 3.03
C HIS C 16 -4.37 26.76 3.86
N TYR C 17 -4.92 27.95 3.60
CA TYR C 17 -4.58 29.15 4.34
C TYR C 17 -3.08 29.38 4.36
N GLY C 18 -2.44 29.13 3.21
CA GLY C 18 -1.03 29.37 3.01
C GLY C 18 -0.09 28.34 3.60
N VAL C 19 -0.61 27.25 4.16
CA VAL C 19 0.20 26.25 4.83
C VAL C 19 -0.30 24.85 4.46
N LEU C 20 0.62 23.89 4.51
CA LEU C 20 0.32 22.48 4.26
C LEU C 20 -0.39 21.87 5.47
N THR C 21 -1.65 21.50 5.29
CA THR C 21 -2.46 21.01 6.40
C THR C 21 -3.17 19.74 6.02
N CYS C 22 -3.67 19.04 7.03
CA CYS C 22 -4.71 18.04 6.88
C CYS C 22 -6.06 18.72 6.67
N GLY C 23 -7.02 17.92 6.20
CA GLY C 23 -8.37 18.45 6.03
C GLY C 23 -9.06 18.70 7.35
N SER C 24 -8.66 17.98 8.40
CA SER C 24 -9.20 18.24 9.73
C SER C 24 -8.79 19.64 10.20
N CYS C 25 -7.51 19.95 10.09
CA CYS C 25 -7.04 21.27 10.49
C CYS C 25 -7.53 22.37 9.55
N LYS C 26 -7.75 22.06 8.27
CA LYS C 26 -8.35 23.05 7.39
C LYS C 26 -9.72 23.46 7.91
N VAL C 27 -10.55 22.48 8.26
CA VAL C 27 -11.89 22.76 8.75
C VAL C 27 -11.84 23.43 10.12
N PHE C 28 -11.10 22.84 11.06
CA PHE C 28 -10.86 23.46 12.36
C PHE C 28 -10.57 24.94 12.24
N PHE C 29 -9.50 25.28 11.53
CA PHE C 29 -9.13 26.68 11.39
C PHE C 29 -10.23 27.48 10.68
N LYS C 30 -10.78 26.93 9.59
CA LYS C 30 -11.89 27.58 8.88
C LYS C 30 -12.98 28.00 9.87
N ARG C 31 -13.42 27.07 10.71
CA ARG C 31 -14.54 27.34 11.60
C ARG C 31 -14.13 28.09 12.87
N ALA C 32 -12.84 28.05 13.25
CA ALA C 32 -12.35 28.92 14.32
C ALA C 32 -12.42 30.38 13.92
N VAL C 33 -11.73 30.74 12.83
CA VAL C 33 -11.76 32.08 12.27
C VAL C 33 -13.19 32.60 12.09
N GLU C 34 -14.14 31.69 11.79
CA GLU C 34 -15.48 32.05 11.37
C GLU C 34 -16.47 32.20 12.52
N GLY C 35 -16.56 31.22 13.42
CA GLY C 35 -17.30 31.42 14.66
C GLY C 35 -16.61 32.33 15.66
N GLN C 36 -15.40 32.80 15.33
CA GLN C 36 -14.61 33.71 16.18
C GLN C 36 -14.47 33.17 17.60
N HIS C 37 -14.51 31.85 17.70
CA HIS C 37 -14.18 31.17 18.95
C HIS C 37 -12.94 31.80 19.54
N ASN C 38 -12.97 32.04 20.85
CA ASN C 38 -11.76 32.41 21.55
C ASN C 38 -11.46 31.33 22.57
N TYR C 39 -10.60 30.41 22.16
CA TYR C 39 -10.19 29.32 23.02
C TYR C 39 -9.26 29.77 24.14
N LEU C 40 -9.39 29.10 25.28
CA LEU C 40 -8.42 29.15 26.37
C LEU C 40 -7.93 27.75 26.65
N CYS C 41 -6.68 27.64 27.05
CA CYS C 41 -6.06 26.35 27.31
C CYS C 41 -6.12 26.09 28.80
N ALA C 42 -6.53 24.89 29.18
CA ALA C 42 -6.59 24.60 30.61
C ALA C 42 -5.20 24.40 31.17
N GLY C 43 -4.26 23.99 30.33
CA GLY C 43 -2.92 23.74 30.82
C GLY C 43 -2.03 24.96 30.71
N ARG C 44 -0.77 24.74 30.36
CA ARG C 44 0.22 25.78 30.28
C ARG C 44 0.75 25.94 28.85
N ASN C 45 -0.15 25.84 27.87
CA ASN C 45 0.26 25.93 26.47
C ASN C 45 1.35 24.91 26.12
N ASP C 46 1.16 23.67 26.57
CA ASP C 46 2.09 22.59 26.33
C ASP C 46 1.37 21.35 25.82
N CYS C 47 0.09 21.46 25.49
CA CYS C 47 -0.65 20.33 24.95
C CYS C 47 -0.06 19.91 23.62
N ILE C 48 0.24 18.63 23.49
CA ILE C 48 0.76 18.10 22.23
C ILE C 48 -0.40 17.89 21.27
N ILE C 49 -0.24 18.39 20.05
CA ILE C 49 -1.29 18.43 19.05
C ILE C 49 -0.92 17.36 18.03
N ASP C 50 -1.60 16.22 18.06
CA ASP C 50 -1.35 15.13 17.12
C ASP C 50 -2.69 14.49 16.79
N LYS C 51 -2.65 13.43 15.97
CA LYS C 51 -3.88 12.83 15.45
C LYS C 51 -4.84 12.46 16.58
N ILE C 52 -4.37 11.72 17.57
CA ILE C 52 -5.27 11.25 18.62
C ILE C 52 -5.64 12.36 19.58
N ARG C 53 -4.82 13.40 19.70
CA ARG C 53 -4.99 14.36 20.77
C ARG C 53 -5.39 15.75 20.32
N ARG C 54 -5.41 16.04 19.01
CA ARG C 54 -5.60 17.40 18.55
C ARG C 54 -6.93 18.01 18.96
N LYS C 55 -7.94 17.19 19.29
CA LYS C 55 -9.20 17.76 19.76
C LYS C 55 -9.22 18.03 21.26
N ASN C 56 -8.16 17.65 21.98
CA ASN C 56 -8.17 17.82 23.43
C ASN C 56 -8.06 19.27 23.85
N CYS C 57 -7.34 20.12 23.10
CA CYS C 57 -7.17 21.52 23.47
C CYS C 57 -7.25 22.38 22.22
N PRO C 58 -8.44 22.80 21.83
CA PRO C 58 -8.55 23.77 20.72
C PRO C 58 -7.60 24.96 20.82
N ALA C 59 -7.40 25.50 22.04
CA ALA C 59 -6.52 26.66 22.17
C ALA C 59 -5.11 26.35 21.65
N CYS C 60 -4.53 25.23 22.12
CA CYS C 60 -3.17 24.90 21.67
C CYS C 60 -3.13 24.59 20.17
N ARG C 61 -4.16 23.90 19.67
CA ARG C 61 -4.22 23.62 18.25
C ARG C 61 -4.28 24.91 17.46
N TYR C 62 -5.18 25.82 17.84
CA TYR C 62 -5.21 27.11 17.17
C TYR C 62 -3.87 27.84 17.33
N ARG C 63 -3.25 27.73 18.51
CA ARG C 63 -1.92 28.32 18.64
C ARG C 63 -0.98 27.74 17.58
N LYS C 64 -1.03 26.43 17.35
CA LYS C 64 -0.11 25.84 16.38
C LYS C 64 -0.44 26.27 14.96
N CYS C 65 -1.72 26.44 14.64
CA CYS C 65 -2.07 26.95 13.31
C CYS C 65 -1.43 28.29 13.06
N LEU C 66 -1.41 29.14 14.08
CA LEU C 66 -0.87 30.48 13.88
C LEU C 66 0.64 30.43 13.77
N GLN C 67 1.30 29.65 14.63
CA GLN C 67 2.76 29.64 14.60
C GLN C 67 3.27 29.02 13.31
N ALA C 68 2.58 27.99 12.78
CA ALA C 68 2.93 27.46 11.46
C ALA C 68 2.64 28.43 10.34
N GLY C 69 1.76 29.42 10.53
CA GLY C 69 1.61 30.47 9.54
C GLY C 69 0.24 30.59 8.89
N MET C 70 -0.79 29.85 9.27
CA MET C 70 -2.10 30.05 8.64
C MET C 70 -2.57 31.48 8.82
N ASN C 71 -3.25 32.01 7.79
CA ASN C 71 -3.95 33.28 7.91
C ASN C 71 -5.07 33.35 6.88
N LEU C 72 -6.19 33.96 7.26
CA LEU C 72 -7.33 34.10 6.37
C LEU C 72 -7.02 35.00 5.16
N GLU C 73 -6.01 35.87 5.28
CA GLU C 73 -5.61 36.68 4.14
C GLU C 73 -5.17 35.81 2.96
N ALA C 74 -4.77 34.56 3.22
CA ALA C 74 -4.26 33.67 2.18
C ALA C 74 -5.38 33.11 1.31
N ARG C 75 -6.43 32.56 1.93
CA ARG C 75 -7.54 31.97 1.18
C ARG C 75 -8.44 33.05 0.57
N LYS C 76 -8.52 34.21 1.21
CA LYS C 76 -9.17 35.37 0.59
C LYS C 76 -8.60 35.60 -0.81
N THR C 77 -7.28 35.63 -0.92
CA THR C 77 -6.62 35.98 -2.16
C THR C 77 -6.66 34.84 -3.19
N LYS C 78 -6.56 33.59 -2.73
CA LYS C 78 -6.43 32.48 -3.68
C LYS C 78 -7.65 32.34 -4.57
N LYS C 79 -8.86 32.44 -4.00
CA LYS C 79 -10.05 32.33 -4.83
C LYS C 79 -10.42 33.63 -5.52
N LYS C 80 -9.79 34.76 -5.17
CA LYS C 80 -9.94 35.93 -6.03
C LYS C 80 -9.06 35.83 -7.27
N ILE C 81 -7.86 35.25 -7.12
CA ILE C 81 -7.05 34.92 -8.28
C ILE C 81 -7.69 33.78 -9.07
N LYS C 82 -8.16 32.75 -8.37
CA LYS C 82 -8.93 31.65 -8.96
C LYS C 82 -10.23 32.13 -9.62
N GLY C 83 -10.46 33.45 -9.62
CA GLY C 83 -11.53 34.03 -10.41
C GLY C 83 -11.01 34.63 -11.70
N ILE C 84 -10.98 33.81 -12.76
CA ILE C 84 -10.48 34.14 -14.10
C ILE C 84 -10.41 35.64 -14.42
N LEU D 4 -2.66 -9.92 -25.64
CA LEU D 4 -2.89 -10.83 -24.51
C LEU D 4 -2.42 -10.27 -23.17
N CYS D 5 -3.28 -10.37 -22.15
CA CYS D 5 -2.97 -9.86 -20.83
C CYS D 5 -1.74 -10.56 -20.25
N LEU D 6 -0.75 -9.78 -19.82
CA LEU D 6 0.47 -10.44 -19.37
C LEU D 6 0.36 -11.05 -18.00
N VAL D 7 -0.79 -10.91 -17.33
CA VAL D 7 -1.02 -11.51 -16.00
C VAL D 7 -1.86 -12.78 -16.08
N CYS D 8 -2.98 -12.73 -16.83
CA CYS D 8 -3.92 -13.84 -16.86
C CYS D 8 -4.09 -14.46 -18.23
N SER D 9 -3.46 -13.90 -19.26
CA SER D 9 -3.48 -14.43 -20.62
C SER D 9 -4.87 -14.40 -21.25
N ASP D 10 -5.84 -13.73 -20.63
CA ASP D 10 -7.06 -13.35 -21.32
C ASP D 10 -6.76 -12.19 -22.27
N GLU D 11 -7.73 -11.82 -23.10
CA GLU D 11 -7.49 -10.78 -24.09
C GLU D 11 -7.20 -9.44 -23.43
N ALA D 12 -6.19 -8.74 -23.94
CA ALA D 12 -5.79 -7.48 -23.35
C ALA D 12 -6.70 -6.34 -23.79
N SER D 13 -6.66 -5.26 -23.01
CA SER D 13 -7.54 -4.10 -23.14
C SER D 13 -6.78 -2.82 -23.39
N GLY D 14 -5.47 -2.82 -23.17
CA GLY D 14 -4.67 -1.63 -23.27
C GLY D 14 -3.49 -1.71 -22.32
N CYS D 15 -2.89 -0.55 -22.08
CA CYS D 15 -1.77 -0.44 -21.16
C CYS D 15 -2.28 0.16 -19.87
N HIS D 16 -2.15 -0.59 -18.78
CA HIS D 16 -2.62 -0.13 -17.48
C HIS D 16 -1.48 -0.24 -16.47
N TYR D 17 -1.18 0.88 -15.82
CA TYR D 17 -0.03 0.95 -14.92
C TYR D 17 1.19 0.37 -15.61
N GLY D 18 1.44 0.86 -16.83
CA GLY D 18 2.60 0.55 -17.61
C GLY D 18 2.69 -0.84 -18.19
N VAL D 19 1.63 -1.64 -18.09
CA VAL D 19 1.68 -3.05 -18.48
C VAL D 19 0.45 -3.41 -19.29
N LEU D 20 0.62 -4.37 -20.21
CA LEU D 20 -0.42 -4.82 -21.13
C LEU D 20 -1.33 -5.78 -20.40
N THR D 21 -2.59 -5.37 -20.22
CA THR D 21 -3.44 -5.98 -19.22
C THR D 21 -4.86 -6.05 -19.78
N CYS D 22 -5.65 -6.98 -19.23
CA CYS D 22 -7.09 -7.03 -19.44
C CYS D 22 -7.81 -6.09 -18.46
N GLY D 23 -9.08 -5.82 -18.73
CA GLY D 23 -9.85 -4.97 -17.83
C GLY D 23 -9.90 -5.45 -16.39
N SER D 24 -9.89 -6.76 -16.16
CA SER D 24 -10.09 -7.25 -14.79
C SER D 24 -8.83 -7.16 -13.95
N CYS D 25 -7.66 -7.43 -14.54
CA CYS D 25 -6.43 -7.29 -13.79
C CYS D 25 -6.13 -5.83 -13.42
N LYS D 26 -6.52 -4.87 -14.27
CA LYS D 26 -6.43 -3.47 -13.86
C LYS D 26 -7.11 -3.24 -12.52
N VAL D 27 -8.42 -3.53 -12.43
CA VAL D 27 -9.13 -3.24 -11.20
C VAL D 27 -8.59 -4.07 -10.05
N PHE D 28 -8.04 -5.26 -10.33
CA PHE D 28 -7.51 -6.08 -9.24
C PHE D 28 -6.26 -5.46 -8.66
N PHE D 29 -5.40 -4.92 -9.53
CA PHE D 29 -4.15 -4.34 -9.05
C PHE D 29 -4.40 -3.07 -8.27
N LYS D 30 -5.26 -2.19 -8.80
CA LYS D 30 -5.52 -0.94 -8.12
C LYS D 30 -6.21 -1.18 -6.79
N ARG D 31 -7.09 -2.18 -6.70
CA ARG D 31 -7.72 -2.44 -5.41
C ARG D 31 -6.75 -3.07 -4.42
N ALA D 32 -5.84 -3.92 -4.89
CA ALA D 32 -4.88 -4.53 -3.96
C ALA D 32 -3.91 -3.50 -3.41
N VAL D 33 -3.46 -2.57 -4.24
CA VAL D 33 -2.41 -1.64 -3.84
C VAL D 33 -2.96 -0.55 -2.94
N GLU D 34 -4.17 -0.10 -3.23
CA GLU D 34 -4.85 0.94 -2.46
C GLU D 34 -5.59 0.39 -1.25
N GLY D 35 -5.71 -0.93 -1.11
CA GLY D 35 -6.26 -1.54 0.06
C GLY D 35 -5.22 -2.15 0.97
N GLN D 36 -3.93 -2.03 0.65
CA GLN D 36 -2.87 -2.62 1.46
C GLN D 36 -3.17 -4.07 1.77
N HIS D 37 -3.82 -4.76 0.83
CA HIS D 37 -4.09 -6.17 1.02
C HIS D 37 -2.76 -6.90 1.07
N ASN D 38 -2.59 -7.77 2.05
CA ASN D 38 -1.41 -8.65 2.09
C ASN D 38 -1.94 -10.04 1.84
N TYR D 39 -2.01 -10.41 0.57
CA TYR D 39 -2.50 -11.74 0.26
C TYR D 39 -1.45 -12.81 0.55
N LEU D 40 -1.92 -14.00 0.93
CA LEU D 40 -1.06 -15.14 1.18
C LEU D 40 -1.54 -16.34 0.36
N CYS D 41 -0.62 -17.01 -0.31
CA CYS D 41 -0.97 -18.12 -1.18
C CYS D 41 -1.14 -19.37 -0.32
N ALA D 42 -2.33 -19.98 -0.41
CA ALA D 42 -2.61 -21.22 0.31
C ALA D 42 -1.79 -22.40 -0.20
N GLY D 43 -1.19 -22.29 -1.38
CA GLY D 43 -0.41 -23.36 -1.98
C GLY D 43 1.07 -23.11 -1.87
N ARG D 44 1.79 -23.01 -2.99
CA ARG D 44 3.24 -22.87 -2.96
C ARG D 44 3.73 -21.65 -3.74
N ASN D 45 2.89 -20.61 -3.87
CA ASN D 45 3.24 -19.42 -4.63
C ASN D 45 3.55 -19.76 -6.10
N ASP D 46 2.88 -20.76 -6.64
CA ASP D 46 3.03 -21.05 -8.05
C ASP D 46 1.68 -21.38 -8.69
N CYS D 47 0.62 -20.73 -8.23
CA CYS D 47 -0.70 -21.04 -8.75
C CYS D 47 -0.76 -20.58 -10.21
N ILE D 48 -1.34 -21.40 -11.07
CA ILE D 48 -1.64 -21.00 -12.44
C ILE D 48 -2.75 -19.96 -12.44
N ILE D 49 -2.45 -18.79 -12.98
CA ILE D 49 -3.42 -17.71 -13.10
C ILE D 49 -3.84 -17.61 -14.56
N ASP D 50 -5.08 -18.00 -14.85
CA ASP D 50 -5.67 -17.88 -16.17
C ASP D 50 -7.13 -17.49 -16.01
N LYS D 51 -7.75 -17.12 -17.14
CA LYS D 51 -9.12 -16.62 -17.20
C LYS D 51 -10.09 -17.38 -16.29
N ILE D 52 -10.01 -18.72 -16.22
CA ILE D 52 -10.95 -19.47 -15.38
C ILE D 52 -10.46 -19.66 -13.95
N ARG D 53 -9.25 -19.22 -13.61
CA ARG D 53 -8.74 -19.49 -12.26
C ARG D 53 -8.13 -18.29 -11.56
N ARG D 54 -7.88 -17.18 -12.27
CA ARG D 54 -7.25 -16.02 -11.66
C ARG D 54 -7.92 -15.59 -10.36
N LYS D 55 -9.23 -15.76 -10.24
CA LYS D 55 -9.86 -15.38 -8.98
C LYS D 55 -9.45 -16.27 -7.81
N ASN D 56 -8.77 -17.40 -8.05
CA ASN D 56 -8.62 -18.38 -6.97
C ASN D 56 -7.46 -18.06 -6.05
N CYS D 57 -6.49 -17.24 -6.45
CA CYS D 57 -5.38 -16.95 -5.57
C CYS D 57 -4.93 -15.55 -5.86
N PRO D 58 -5.46 -14.59 -5.13
CA PRO D 58 -5.06 -13.20 -5.35
C PRO D 58 -3.59 -12.97 -5.05
N ALA D 59 -2.99 -13.82 -4.20
CA ALA D 59 -1.56 -13.67 -3.88
C ALA D 59 -0.69 -13.96 -5.10
N CYS D 60 -0.85 -15.15 -5.67
CA CYS D 60 -0.08 -15.48 -6.86
C CYS D 60 -0.41 -14.54 -8.02
N ARG D 61 -1.66 -14.04 -8.07
CA ARG D 61 -2.07 -13.14 -9.13
C ARG D 61 -1.43 -11.77 -8.97
N TYR D 62 -1.39 -11.26 -7.74
CA TYR D 62 -0.69 -10.01 -7.47
C TYR D 62 0.81 -10.14 -7.72
N ARG D 63 1.39 -11.30 -7.36
CA ARG D 63 2.81 -11.48 -7.61
C ARG D 63 3.11 -11.43 -9.11
N LYS D 64 2.24 -11.99 -9.94
CA LYS D 64 2.46 -11.91 -11.38
C LYS D 64 2.35 -10.47 -11.87
N CYS D 65 1.36 -9.72 -11.39
CA CYS D 65 1.28 -8.29 -11.69
C CYS D 65 2.62 -7.59 -11.44
N LEU D 66 3.32 -7.98 -10.37
CA LEU D 66 4.58 -7.33 -10.06
C LEU D 66 5.71 -7.88 -10.92
N GLN D 67 5.72 -9.20 -11.14
CA GLN D 67 6.69 -9.76 -12.07
C GLN D 67 6.60 -9.08 -13.43
N ALA D 68 5.39 -8.72 -13.86
CA ALA D 68 5.19 -7.99 -15.10
C ALA D 68 5.50 -6.49 -14.98
N GLY D 69 5.60 -5.95 -13.77
CA GLY D 69 6.09 -4.60 -13.60
C GLY D 69 5.04 -3.52 -13.42
N MET D 70 3.81 -3.87 -13.03
CA MET D 70 2.78 -2.85 -12.82
C MET D 70 3.14 -1.89 -11.68
N ASN D 71 2.78 -0.63 -11.86
CA ASN D 71 3.08 0.42 -10.90
C ASN D 71 1.83 0.86 -10.12
N LYS E 3 -23.59 -10.63 17.59
CA LYS E 3 -22.49 -9.68 17.57
C LYS E 3 -21.60 -9.78 16.33
N LEU E 4 -21.08 -10.97 16.02
CA LEU E 4 -20.06 -11.12 14.98
C LEU E 4 -20.50 -12.03 13.84
N CYS E 5 -20.20 -11.59 12.62
CA CYS E 5 -20.26 -12.42 11.43
C CYS E 5 -19.70 -13.80 11.74
N LEU E 6 -20.45 -14.84 11.41
CA LEU E 6 -19.97 -16.15 11.81
C LEU E 6 -19.30 -16.91 10.69
N VAL E 7 -19.11 -16.27 9.54
CA VAL E 7 -18.11 -16.73 8.57
C VAL E 7 -16.73 -16.24 8.94
N CYS E 8 -16.64 -15.02 9.36
CA CYS E 8 -15.42 -14.30 9.26
C CYS E 8 -14.93 -13.75 10.59
N SER E 9 -15.84 -13.60 11.57
CA SER E 9 -15.59 -13.18 12.95
C SER E 9 -15.37 -11.69 13.08
N ASP E 10 -15.47 -10.94 11.99
CA ASP E 10 -15.58 -9.50 12.05
C ASP E 10 -16.87 -9.12 12.75
N GLU E 11 -17.13 -7.82 12.84
CA GLU E 11 -18.33 -7.34 13.50
C GLU E 11 -19.50 -7.47 12.54
N ALA E 12 -20.50 -8.27 12.92
CA ALA E 12 -21.67 -8.46 12.07
C ALA E 12 -22.36 -7.12 11.78
N SER E 13 -22.85 -6.98 10.56
CA SER E 13 -23.63 -5.82 10.16
C SER E 13 -25.13 -6.09 10.17
N GLY E 14 -25.54 -7.31 9.83
CA GLY E 14 -26.95 -7.64 9.82
C GLY E 14 -27.17 -9.12 9.56
N CYS E 15 -28.38 -9.41 9.08
CA CYS E 15 -28.82 -10.77 8.79
C CYS E 15 -28.99 -10.92 7.28
N HIS E 16 -28.13 -11.71 6.66
CA HIS E 16 -28.09 -11.79 5.21
C HIS E 16 -28.01 -13.24 4.80
N TYR E 17 -28.86 -13.63 3.86
CA TYR E 17 -28.96 -15.01 3.45
C TYR E 17 -29.16 -15.90 4.67
N GLY E 18 -30.11 -15.49 5.50
CA GLY E 18 -30.49 -16.21 6.69
C GLY E 18 -29.39 -16.44 7.69
N VAL E 19 -28.33 -15.63 7.67
CA VAL E 19 -27.20 -15.84 8.57
C VAL E 19 -26.62 -14.49 8.97
N LEU E 20 -26.20 -14.40 10.23
CA LEU E 20 -25.53 -13.23 10.79
C LEU E 20 -24.15 -13.06 10.19
N THR E 21 -23.95 -12.00 9.40
CA THR E 21 -22.71 -11.81 8.67
C THR E 21 -22.31 -10.35 8.68
N CYS E 22 -21.07 -10.10 8.25
CA CYS E 22 -20.59 -8.75 8.00
C CYS E 22 -21.05 -8.31 6.61
N GLY E 23 -20.82 -7.03 6.30
CA GLY E 23 -21.10 -6.54 4.97
C GLY E 23 -20.21 -7.18 3.92
N SER E 24 -18.95 -7.47 4.27
CA SER E 24 -18.06 -7.94 3.21
C SER E 24 -18.39 -9.38 2.83
N CYS E 25 -18.72 -10.21 3.82
CA CYS E 25 -19.18 -11.54 3.51
C CYS E 25 -20.53 -11.51 2.81
N LYS E 26 -21.38 -10.53 3.12
CA LYS E 26 -22.62 -10.36 2.37
C LYS E 26 -22.35 -10.22 0.87
N VAL E 27 -21.51 -9.25 0.47
CA VAL E 27 -21.32 -9.08 -0.96
C VAL E 27 -20.49 -10.22 -1.55
N PHE E 28 -19.49 -10.72 -0.80
CA PHE E 28 -18.74 -11.88 -1.28
C PHE E 28 -19.68 -12.99 -1.68
N PHE E 29 -20.57 -13.40 -0.76
CA PHE E 29 -21.48 -14.50 -1.07
C PHE E 29 -22.45 -14.08 -2.16
N LYS E 30 -22.73 -12.78 -2.26
CA LYS E 30 -23.63 -12.28 -3.29
C LYS E 30 -23.00 -12.43 -4.66
N ARG E 31 -21.77 -11.95 -4.81
CA ARG E 31 -21.05 -12.10 -6.07
C ARG E 31 -20.81 -13.57 -6.39
N ALA E 32 -20.63 -14.42 -5.37
CA ALA E 32 -20.22 -15.79 -5.62
C ALA E 32 -21.30 -16.62 -6.30
N VAL E 33 -22.58 -16.35 -5.99
CA VAL E 33 -23.67 -17.10 -6.60
C VAL E 33 -24.28 -16.36 -7.79
N GLU E 34 -23.96 -15.08 -7.97
CA GLU E 34 -24.28 -14.30 -9.17
C GLU E 34 -23.29 -14.65 -10.27
N GLY E 35 -23.61 -15.68 -11.04
CA GLY E 35 -22.67 -16.20 -12.01
C GLY E 35 -21.66 -17.08 -11.30
N GLN E 36 -21.88 -18.39 -11.37
CA GLN E 36 -21.31 -19.30 -10.38
C GLN E 36 -19.79 -19.44 -10.46
N HIS E 37 -19.12 -18.56 -9.71
CA HIS E 37 -17.68 -18.62 -9.51
C HIS E 37 -17.27 -20.01 -9.09
N ASN E 38 -16.39 -20.64 -9.88
CA ASN E 38 -15.86 -21.94 -9.49
C ASN E 38 -14.50 -21.73 -8.80
N TYR E 39 -14.58 -21.39 -7.51
CA TYR E 39 -13.37 -21.31 -6.70
C TYR E 39 -12.79 -22.69 -6.40
N LEU E 40 -11.47 -22.73 -6.30
CA LEU E 40 -10.73 -23.93 -5.90
C LEU E 40 -9.71 -23.55 -4.86
N CYS E 41 -9.52 -24.42 -3.89
CA CYS E 41 -8.56 -24.14 -2.84
C CYS E 41 -7.18 -24.70 -3.23
N ALA E 42 -6.17 -23.85 -3.14
CA ALA E 42 -4.79 -24.30 -3.38
C ALA E 42 -4.25 -25.15 -2.25
N GLY E 43 -4.89 -25.16 -1.10
CA GLY E 43 -4.44 -25.98 0.03
C GLY E 43 -5.32 -27.21 0.24
N ARG E 44 -5.55 -27.54 1.51
CA ARG E 44 -6.28 -28.74 1.87
C ARG E 44 -7.64 -28.43 2.46
N ASN E 45 -8.28 -27.37 1.97
CA ASN E 45 -9.60 -26.96 2.47
C ASN E 45 -9.58 -26.67 3.97
N ASP E 46 -8.48 -26.09 4.45
CA ASP E 46 -8.31 -25.81 5.87
C ASP E 46 -7.85 -24.38 6.08
N CYS E 47 -8.14 -23.48 5.14
CA CYS E 47 -7.67 -22.10 5.27
C CYS E 47 -8.41 -21.42 6.41
N ILE E 48 -7.73 -20.52 7.11
CA ILE E 48 -8.34 -19.83 8.25
C ILE E 48 -9.01 -18.55 7.74
N ILE E 49 -10.30 -18.42 8.00
CA ILE E 49 -11.08 -17.29 7.52
C ILE E 49 -11.38 -16.37 8.69
N ASP E 50 -10.56 -15.33 8.85
CA ASP E 50 -10.85 -14.19 9.71
C ASP E 50 -10.69 -12.91 8.90
N LYS E 51 -10.72 -11.73 9.52
CA LYS E 51 -10.84 -10.51 8.72
C LYS E 51 -9.56 -10.22 7.93
N ILE E 52 -8.40 -10.55 8.50
CA ILE E 52 -7.13 -10.36 7.81
C ILE E 52 -7.02 -11.33 6.64
N ARG E 53 -7.17 -12.62 6.90
CA ARG E 53 -6.93 -13.67 5.92
C ARG E 53 -8.12 -13.94 5.03
N ARG E 54 -9.27 -13.40 5.37
CA ARG E 54 -10.49 -13.42 4.57
C ARG E 54 -10.27 -13.58 3.07
N LYS E 55 -9.54 -12.64 2.45
CA LYS E 55 -9.49 -12.53 1.01
C LYS E 55 -8.53 -13.53 0.36
N ASN E 56 -7.82 -14.33 1.14
CA ASN E 56 -6.74 -15.15 0.62
C ASN E 56 -7.22 -16.41 -0.11
N CYS E 57 -8.38 -16.96 0.24
CA CYS E 57 -8.84 -18.22 -0.33
C CYS E 57 -10.34 -18.16 -0.47
N PRO E 58 -10.84 -17.55 -1.55
CA PRO E 58 -12.29 -17.52 -1.81
C PRO E 58 -12.95 -18.87 -1.70
N ALA E 59 -12.20 -19.95 -1.92
CA ALA E 59 -12.81 -21.27 -1.84
C ALA E 59 -13.14 -21.61 -0.40
N CYS E 60 -12.15 -21.50 0.49
CA CYS E 60 -12.42 -21.74 1.91
C CYS E 60 -13.43 -20.73 2.48
N ARG E 61 -13.43 -19.49 2.00
CA ARG E 61 -14.39 -18.55 2.56
C ARG E 61 -15.78 -18.83 2.05
N TYR E 62 -15.93 -19.35 0.84
CA TYR E 62 -17.25 -19.71 0.35
C TYR E 62 -17.76 -20.96 1.04
N ARG E 63 -16.88 -21.88 1.41
CA ARG E 63 -17.40 -23.07 2.07
C ARG E 63 -17.87 -22.75 3.50
N LYS E 64 -17.19 -21.81 4.17
CA LYS E 64 -17.67 -21.37 5.49
C LYS E 64 -19.06 -20.79 5.40
N CYS E 65 -19.33 -19.94 4.39
CA CYS E 65 -20.69 -19.45 4.21
C CYS E 65 -21.68 -20.61 4.16
N LEU E 66 -21.31 -21.68 3.45
CA LEU E 66 -22.22 -22.82 3.39
C LEU E 66 -22.25 -23.55 4.71
N GLN E 67 -21.08 -23.82 5.31
CA GLN E 67 -21.10 -24.45 6.63
C GLN E 67 -21.91 -23.60 7.61
N ALA E 68 -21.80 -22.28 7.51
CA ALA E 68 -22.65 -21.43 8.33
C ALA E 68 -24.10 -21.40 7.89
N GLY E 69 -24.49 -22.11 6.83
CA GLY E 69 -25.87 -22.15 6.45
C GLY E 69 -26.37 -21.04 5.54
N MET E 70 -25.52 -20.15 5.04
CA MET E 70 -26.02 -19.17 4.08
C MET E 70 -26.59 -19.87 2.85
N ASN E 71 -27.51 -19.18 2.16
CA ASN E 71 -28.23 -19.69 1.00
C ASN E 71 -29.07 -18.58 0.39
N LEU E 72 -29.31 -18.64 -0.93
CA LEU E 72 -30.20 -17.67 -1.55
C LEU E 72 -31.68 -18.08 -1.47
N GLU E 73 -31.98 -19.23 -0.83
CA GLU E 73 -33.35 -19.46 -0.41
C GLU E 73 -33.85 -18.30 0.42
N ALA E 74 -32.94 -17.62 1.09
CA ALA E 74 -33.21 -16.71 2.19
C ALA E 74 -33.54 -15.29 1.76
N ARG E 75 -32.78 -14.68 0.84
CA ARG E 75 -32.92 -13.24 0.65
C ARG E 75 -33.80 -12.84 -0.54
N LYS E 76 -34.41 -13.80 -1.24
CA LYS E 76 -35.49 -13.41 -2.14
C LYS E 76 -36.79 -14.16 -1.89
N THR E 77 -36.81 -15.13 -0.98
CA THR E 77 -38.05 -15.36 -0.26
C THR E 77 -38.40 -14.14 0.58
N LYS E 78 -37.37 -13.52 1.17
CA LYS E 78 -37.59 -12.37 2.04
C LYS E 78 -37.99 -11.14 1.24
N LYS E 79 -37.42 -10.98 0.04
CA LYS E 79 -37.71 -9.79 -0.77
C LYS E 79 -39.16 -9.79 -1.24
N LYS E 80 -39.74 -10.96 -1.51
CA LYS E 80 -41.14 -11.01 -1.91
C LYS E 80 -42.08 -10.67 -0.74
N ILE E 81 -41.71 -11.05 0.47
CA ILE E 81 -42.46 -10.60 1.64
C ILE E 81 -41.93 -9.26 2.11
N PRO F 2 25.10 -3.27 6.92
CA PRO F 2 25.79 -4.01 7.98
C PRO F 2 25.35 -3.59 9.39
N LYS F 3 24.04 -3.55 9.63
CA LYS F 3 23.50 -2.95 10.84
C LYS F 3 22.31 -3.68 11.44
N LEU F 4 21.55 -4.44 10.65
CA LEU F 4 20.32 -5.07 11.11
C LEU F 4 20.51 -6.57 11.21
N CYS F 5 20.01 -7.17 12.28
CA CYS F 5 20.03 -8.62 12.43
C CYS F 5 19.35 -9.24 11.20
N LEU F 6 19.97 -10.30 10.66
CA LEU F 6 19.43 -10.96 9.48
C LEU F 6 18.28 -11.89 9.78
N VAL F 7 18.01 -12.17 11.05
CA VAL F 7 16.89 -13.00 11.45
C VAL F 7 15.66 -12.14 11.67
N CYS F 8 15.75 -11.17 12.59
CA CYS F 8 14.56 -10.45 13.03
C CYS F 8 14.54 -8.97 12.67
N SER F 9 15.57 -8.47 11.98
CA SER F 9 15.70 -7.08 11.51
C SER F 9 15.81 -6.07 12.64
N ASP F 10 15.98 -6.50 13.88
CA ASP F 10 16.44 -5.61 14.93
C ASP F 10 17.84 -5.10 14.57
N GLU F 11 18.30 -4.11 15.31
CA GLU F 11 19.69 -3.68 15.14
C GLU F 11 20.62 -4.80 15.59
N ALA F 12 21.62 -5.08 14.77
CA ALA F 12 22.51 -6.18 15.08
C ALA F 12 23.47 -5.79 16.20
N SER F 13 24.03 -6.80 16.86
CA SER F 13 24.98 -6.60 17.94
C SER F 13 26.30 -7.31 17.73
N GLY F 14 26.40 -8.23 16.78
CA GLY F 14 27.66 -8.89 16.48
C GLY F 14 27.48 -10.02 15.49
N CYS F 15 28.58 -10.70 15.22
CA CYS F 15 28.60 -11.88 14.36
C CYS F 15 28.49 -13.10 15.26
N HIS F 16 27.38 -13.83 15.15
CA HIS F 16 27.12 -14.98 16.00
C HIS F 16 26.76 -16.16 15.12
N TYR F 17 27.41 -17.30 15.37
CA TYR F 17 27.15 -18.51 14.63
C TYR F 17 27.28 -18.26 13.13
N GLY F 18 28.27 -17.45 12.77
CA GLY F 18 28.55 -17.14 11.39
C GLY F 18 27.68 -16.07 10.76
N VAL F 19 26.74 -15.48 11.50
CA VAL F 19 25.74 -14.59 10.93
C VAL F 19 25.59 -13.36 11.82
N LEU F 20 25.44 -12.20 11.18
CA LEU F 20 25.10 -10.94 11.86
C LEU F 20 23.71 -11.05 12.49
N THR F 21 23.66 -11.13 13.82
CA THR F 21 22.39 -11.26 14.51
C THR F 21 22.29 -10.21 15.61
N CYS F 22 21.07 -10.06 16.12
CA CYS F 22 20.91 -9.36 17.38
C CYS F 22 21.30 -10.30 18.52
N GLY F 23 21.51 -9.74 19.71
CA GLY F 23 21.79 -10.57 20.86
C GLY F 23 20.63 -11.46 21.23
N SER F 24 19.41 -10.96 21.02
CA SER F 24 18.23 -11.79 21.32
C SER F 24 18.23 -13.04 20.47
N CYS F 25 18.56 -12.91 19.19
CA CYS F 25 18.53 -14.08 18.36
C CYS F 25 19.69 -15.02 18.65
N LYS F 26 20.86 -14.48 19.02
CA LYS F 26 21.95 -15.33 19.48
C LYS F 26 21.51 -16.22 20.64
N VAL F 27 20.84 -15.63 21.64
CA VAL F 27 20.48 -16.45 22.79
C VAL F 27 19.38 -17.44 22.42
N PHE F 28 18.44 -17.04 21.56
CA PHE F 28 17.43 -17.98 21.10
C PHE F 28 18.07 -19.17 20.39
N PHE F 29 18.96 -18.91 19.43
CA PHE F 29 19.51 -20.02 18.68
C PHE F 29 20.37 -20.91 19.57
N LYS F 30 21.05 -20.36 20.57
CA LYS F 30 21.89 -21.20 21.41
C LYS F 30 21.04 -22.18 22.21
N ARG F 31 20.06 -21.69 22.96
CA ARG F 31 19.24 -22.57 23.78
C ARG F 31 18.49 -23.57 22.92
N ALA F 32 18.09 -23.17 21.72
CA ALA F 32 17.38 -24.08 20.83
C ALA F 32 18.23 -25.29 20.49
N VAL F 33 19.52 -25.07 20.19
CA VAL F 33 20.40 -26.18 19.78
C VAL F 33 20.86 -27.04 20.95
N GLU F 34 20.69 -26.57 22.19
CA GLU F 34 20.97 -27.42 23.35
C GLU F 34 19.77 -28.34 23.60
N GLY F 35 19.86 -29.56 23.07
CA GLY F 35 18.75 -30.50 23.01
C GLY F 35 17.81 -30.18 21.86
N GLN F 36 17.10 -31.21 21.39
CA GLN F 36 16.08 -30.95 20.38
C GLN F 36 15.00 -30.06 20.96
N HIS F 37 14.69 -28.99 20.26
CA HIS F 37 13.49 -28.21 20.54
C HIS F 37 12.53 -28.54 19.41
N ASN F 38 11.61 -29.46 19.71
CA ASN F 38 10.48 -29.89 18.90
C ASN F 38 9.61 -28.76 18.34
N TYR F 39 10.18 -27.61 17.99
CA TYR F 39 9.40 -26.47 17.48
C TYR F 39 8.48 -26.82 16.30
N LEU F 40 7.17 -26.91 16.50
CA LEU F 40 6.19 -26.99 15.41
C LEU F 40 5.48 -25.67 15.26
N CYS F 41 5.41 -25.17 14.03
CA CYS F 41 4.64 -23.98 13.76
C CYS F 41 3.16 -24.34 13.78
N ALA F 42 2.37 -23.59 14.54
CA ALA F 42 0.92 -23.85 14.54
C ALA F 42 0.26 -23.34 13.26
N GLY F 43 0.90 -22.42 12.55
CA GLY F 43 0.38 -21.93 11.29
C GLY F 43 0.96 -22.65 10.09
N ARG F 44 1.26 -21.90 9.02
CA ARG F 44 1.56 -22.45 7.71
C ARG F 44 2.98 -22.13 7.28
N ASN F 45 3.92 -22.06 8.23
CA ASN F 45 5.31 -21.78 7.91
C ASN F 45 5.48 -20.45 7.18
N ASP F 46 4.56 -19.51 7.37
CA ASP F 46 4.70 -18.17 6.81
C ASP F 46 4.51 -17.11 7.89
N CYS F 47 4.98 -17.38 9.12
CA CYS F 47 4.96 -16.36 10.17
C CYS F 47 5.94 -15.25 9.78
N ILE F 48 5.61 -14.01 10.12
CA ILE F 48 6.52 -12.87 9.93
C ILE F 48 7.41 -12.73 11.15
N ILE F 49 8.69 -12.62 10.96
CA ILE F 49 9.64 -12.53 12.07
C ILE F 49 10.20 -11.10 12.14
N ASP F 50 9.67 -10.34 13.09
CA ASP F 50 10.02 -8.95 13.38
C ASP F 50 10.41 -8.90 14.86
N LYS F 51 10.89 -7.74 15.36
CA LYS F 51 11.15 -7.61 16.79
C LYS F 51 9.86 -7.75 17.63
N ILE F 52 8.72 -7.30 17.10
CA ILE F 52 7.47 -7.40 17.86
C ILE F 52 6.77 -8.74 17.66
N ARG F 53 7.07 -9.49 16.59
CA ARG F 53 6.37 -10.75 16.38
C ARG F 53 7.23 -11.98 16.56
N ARG F 54 8.56 -11.88 16.44
CA ARG F 54 9.43 -12.98 16.87
C ARG F 54 9.00 -13.38 18.27
N LYS F 55 9.33 -14.60 18.69
CA LYS F 55 8.85 -15.16 19.96
C LYS F 55 7.42 -15.69 19.86
N ASN F 56 6.61 -15.20 18.92
CA ASN F 56 5.32 -15.86 18.69
C ASN F 56 5.51 -17.27 18.14
N CYS F 57 6.35 -17.44 17.13
CA CYS F 57 6.53 -18.75 16.52
C CYS F 57 7.98 -19.16 16.61
N PRO F 58 8.38 -19.81 17.70
CA PRO F 58 9.78 -20.29 17.80
C PRO F 58 10.17 -21.19 16.63
N ALA F 59 9.24 -21.93 16.03
CA ALA F 59 9.55 -22.72 14.85
C ALA F 59 9.98 -21.82 13.69
N CYS F 60 9.09 -20.87 13.31
CA CYS F 60 9.42 -19.99 12.20
C CYS F 60 10.74 -19.27 12.40
N ARG F 61 11.04 -18.85 13.61
CA ARG F 61 12.26 -18.07 13.75
C ARG F 61 13.48 -18.99 13.75
N TYR F 62 13.35 -20.21 14.26
CA TYR F 62 14.41 -21.20 14.07
C TYR F 62 14.62 -21.46 12.59
N ARG F 63 13.53 -21.62 11.87
CA ARG F 63 13.62 -21.79 10.44
C ARG F 63 14.34 -20.59 9.82
N LYS F 64 14.07 -19.40 10.32
CA LYS F 64 14.75 -18.22 9.78
C LYS F 64 16.21 -18.17 10.19
N CYS F 65 16.52 -18.64 11.40
CA CYS F 65 17.91 -18.74 11.82
C CYS F 65 18.68 -19.61 10.85
N LEU F 66 18.14 -20.80 10.55
CA LEU F 66 18.85 -21.71 9.67
C LEU F 66 18.93 -21.14 8.25
N GLN F 67 17.88 -20.47 7.78
CA GLN F 67 17.93 -19.94 6.42
C GLN F 67 18.99 -18.84 6.32
N ALA F 68 19.08 -17.97 7.32
CA ALA F 68 20.16 -16.99 7.31
C ALA F 68 21.54 -17.63 7.44
N GLY F 69 21.65 -18.92 7.75
CA GLY F 69 22.93 -19.57 7.77
C GLY F 69 23.52 -19.86 9.13
N MET F 70 22.79 -19.64 10.21
CA MET F 70 23.33 -20.01 11.52
C MET F 70 23.62 -21.50 11.57
N ASN F 71 24.59 -21.88 12.41
CA ASN F 71 25.00 -23.27 12.58
C ASN F 71 25.97 -23.35 13.75
N LEU F 72 25.86 -24.41 14.55
CA LEU F 72 26.72 -24.52 15.74
C LEU F 72 28.14 -24.92 15.37
N GLU F 73 28.37 -25.46 14.17
CA GLU F 73 29.75 -25.68 13.77
C GLU F 73 30.48 -24.35 13.55
N ALA F 74 29.77 -23.22 13.58
CA ALA F 74 30.42 -21.94 13.39
C ALA F 74 31.33 -21.60 14.57
N ARG F 75 30.74 -21.43 15.76
CA ARG F 75 31.54 -21.02 16.90
C ARG F 75 32.26 -22.21 17.54
N LYS F 76 31.84 -23.45 17.20
CA LYS F 76 32.68 -24.64 17.28
C LYS F 76 34.14 -24.29 17.00
N THR F 77 34.44 -24.05 15.73
CA THR F 77 35.81 -23.84 15.30
C THR F 77 36.38 -22.54 15.85
N LYS F 78 35.55 -21.50 15.97
CA LYS F 78 36.02 -20.17 16.39
C LYS F 78 36.72 -20.23 17.74
N LYS F 79 36.12 -20.92 18.71
CA LYS F 79 36.71 -21.08 20.02
C LYS F 79 37.61 -22.31 20.07
N PRO G 2 -27.56 -4.07 13.50
CA PRO G 2 -26.96 -5.31 14.02
C PRO G 2 -27.37 -5.62 15.47
N LYS G 3 -27.60 -4.58 16.28
CA LYS G 3 -27.82 -4.83 17.68
C LYS G 3 -29.29 -5.02 18.03
N LEU G 4 -30.20 -4.41 17.27
CA LEU G 4 -31.61 -4.33 17.64
C LEU G 4 -32.47 -5.24 16.76
N CYS G 5 -33.52 -5.78 17.38
CA CYS G 5 -34.51 -6.55 16.64
C CYS G 5 -35.23 -5.65 15.65
N LEU G 6 -35.45 -6.16 14.44
CA LEU G 6 -36.03 -5.31 13.43
C LEU G 6 -37.54 -5.20 13.56
N VAL G 7 -38.12 -5.83 14.58
CA VAL G 7 -39.56 -5.82 14.79
C VAL G 7 -39.95 -4.97 15.99
N CYS G 8 -39.31 -5.19 17.13
CA CYS G 8 -39.73 -4.47 18.32
C CYS G 8 -38.68 -3.55 18.91
N SER G 9 -37.48 -3.47 18.31
CA SER G 9 -36.39 -2.61 18.73
C SER G 9 -35.83 -2.96 20.10
N ASP G 10 -36.20 -4.11 20.66
CA ASP G 10 -35.45 -4.69 21.77
C ASP G 10 -34.06 -5.06 21.29
N GLU G 11 -33.24 -5.54 22.21
CA GLU G 11 -31.91 -5.97 21.82
C GLU G 11 -32.01 -7.31 21.12
N ALA G 12 -31.31 -7.44 19.99
CA ALA G 12 -31.46 -8.62 19.15
C ALA G 12 -30.66 -9.80 19.71
N SER G 13 -31.13 -11.00 19.40
CA SER G 13 -30.49 -12.24 19.83
C SER G 13 -30.05 -13.11 18.66
N GLY G 14 -30.19 -12.66 17.42
CA GLY G 14 -29.64 -13.35 16.30
C GLY G 14 -30.60 -13.38 15.13
N CYS G 15 -30.35 -14.31 14.23
CA CYS G 15 -31.15 -14.48 13.03
C CYS G 15 -32.18 -15.57 13.25
N HIS G 16 -33.44 -15.25 12.95
CA HIS G 16 -34.53 -16.20 13.13
C HIS G 16 -35.51 -16.02 11.99
N TYR G 17 -35.72 -17.10 11.23
CA TYR G 17 -36.54 -17.05 10.04
C TYR G 17 -36.09 -15.90 9.17
N GLY G 18 -34.77 -15.82 9.01
CA GLY G 18 -34.14 -14.88 8.11
C GLY G 18 -34.08 -13.45 8.58
N VAL G 19 -34.33 -13.16 9.85
CA VAL G 19 -34.42 -11.78 10.28
C VAL G 19 -33.72 -11.61 11.61
N LEU G 20 -32.92 -10.56 11.72
CA LEU G 20 -32.38 -10.11 13.00
C LEU G 20 -33.52 -9.84 13.96
N THR G 21 -33.55 -10.56 15.07
CA THR G 21 -34.75 -10.61 15.88
C THR G 21 -34.37 -10.88 17.32
N CYS G 22 -35.20 -10.40 18.25
CA CYS G 22 -35.02 -10.70 19.67
C CYS G 22 -35.56 -12.08 19.99
N GLY G 23 -35.31 -12.55 21.20
CA GLY G 23 -35.80 -13.87 21.59
C GLY G 23 -37.32 -13.99 21.59
N SER G 24 -38.04 -12.90 21.90
CA SER G 24 -39.48 -13.06 22.01
C SER G 24 -40.19 -12.93 20.66
N CYS G 25 -39.68 -12.09 19.77
CA CYS G 25 -40.29 -12.05 18.43
C CYS G 25 -40.15 -13.39 17.69
N LYS G 26 -39.07 -14.13 17.92
CA LYS G 26 -38.95 -15.46 17.32
C LYS G 26 -40.11 -16.36 17.73
N VAL G 27 -40.30 -16.49 19.04
CA VAL G 27 -41.33 -17.39 19.55
C VAL G 27 -42.74 -16.90 19.21
N PHE G 28 -42.97 -15.59 19.23
CA PHE G 28 -44.28 -15.10 18.79
C PHE G 28 -44.53 -15.45 17.33
N PHE G 29 -43.54 -15.22 16.48
CA PHE G 29 -43.73 -15.53 15.07
C PHE G 29 -43.97 -17.02 14.88
N LYS G 30 -43.23 -17.87 15.59
CA LYS G 30 -43.40 -19.31 15.41
C LYS G 30 -44.80 -19.73 15.81
N ARG G 31 -45.32 -19.19 16.91
CA ARG G 31 -46.64 -19.61 17.37
C ARG G 31 -47.74 -19.03 16.47
N ALA G 32 -47.48 -17.89 15.83
CA ALA G 32 -48.50 -17.28 14.98
C ALA G 32 -48.74 -18.12 13.72
N VAL G 33 -47.66 -18.42 13.00
CA VAL G 33 -47.75 -19.01 11.68
C VAL G 33 -48.21 -20.46 11.75
N GLU G 34 -47.83 -21.16 12.83
CA GLU G 34 -48.29 -22.52 13.06
C GLU G 34 -49.74 -22.54 13.55
N GLY G 35 -50.02 -21.74 14.58
CA GLY G 35 -51.35 -21.68 15.14
C GLY G 35 -52.39 -21.18 14.15
N GLN G 36 -51.96 -20.79 12.96
CA GLN G 36 -52.86 -20.26 11.93
C GLN G 36 -53.69 -19.14 12.51
N HIS G 37 -53.06 -18.33 13.37
CA HIS G 37 -53.75 -17.20 13.97
C HIS G 37 -54.03 -16.16 12.90
N ASN G 38 -55.24 -15.60 12.94
CA ASN G 38 -55.62 -14.61 11.95
C ASN G 38 -55.89 -13.29 12.66
N TYR G 39 -54.87 -12.75 13.31
CA TYR G 39 -55.04 -11.53 14.11
C TYR G 39 -55.64 -10.40 13.30
N LEU G 40 -56.59 -9.70 13.91
CA LEU G 40 -57.04 -8.39 13.46
C LEU G 40 -56.56 -7.33 14.46
N CYS G 41 -56.36 -6.11 13.97
CA CYS G 41 -55.95 -4.98 14.79
C CYS G 41 -57.19 -4.16 15.12
N ALA G 42 -57.26 -3.68 16.38
CA ALA G 42 -58.42 -2.94 16.86
C ALA G 42 -58.38 -1.48 16.46
N GLY G 43 -57.23 -0.99 16.03
CA GLY G 43 -57.10 0.39 15.63
C GLY G 43 -57.12 0.48 14.12
N ARG G 44 -56.03 0.97 13.53
CA ARG G 44 -56.03 1.18 12.09
C ARG G 44 -54.73 0.71 11.46
N ASN G 45 -54.11 -0.31 12.07
CA ASN G 45 -52.95 -0.98 11.50
C ASN G 45 -51.71 -0.10 11.51
N ASP G 46 -51.63 0.79 12.50
CA ASP G 46 -50.46 1.66 12.67
C ASP G 46 -49.88 1.58 14.08
N CYS G 47 -50.29 0.59 14.87
CA CYS G 47 -49.77 0.46 16.23
C CYS G 47 -48.25 0.47 16.23
N ILE G 48 -47.68 1.23 17.17
CA ILE G 48 -46.25 1.21 17.44
C ILE G 48 -45.90 -0.08 18.17
N ILE G 49 -44.90 -0.78 17.67
CA ILE G 49 -44.41 -2.01 18.29
C ILE G 49 -43.00 -1.73 18.81
N ASP G 50 -42.87 -1.72 20.14
CA ASP G 50 -41.59 -1.56 20.85
C ASP G 50 -41.57 -2.58 21.98
N LYS G 51 -40.44 -2.63 22.70
CA LYS G 51 -40.29 -3.58 23.80
C LYS G 51 -41.47 -3.55 24.78
N ILE G 52 -41.87 -2.36 25.25
CA ILE G 52 -42.89 -2.27 26.28
C ILE G 52 -44.27 -2.60 25.73
N ARG G 53 -44.57 -2.17 24.51
CA ARG G 53 -45.93 -2.25 23.98
C ARG G 53 -46.17 -3.42 23.03
N ARG G 54 -45.13 -4.20 22.70
CA ARG G 54 -45.26 -5.22 21.64
C ARG G 54 -46.39 -6.23 21.87
N LYS G 55 -46.72 -6.59 23.12
CA LYS G 55 -47.80 -7.59 23.26
C LYS G 55 -49.19 -7.01 22.97
N ASN G 56 -49.30 -5.71 22.80
CA ASN G 56 -50.62 -5.08 22.75
C ASN G 56 -51.38 -5.41 21.48
N CYS G 57 -50.71 -5.44 20.33
CA CYS G 57 -51.41 -5.72 19.08
C CYS G 57 -50.66 -6.81 18.31
N PRO G 58 -51.08 -8.07 18.44
CA PRO G 58 -50.42 -9.13 17.68
C PRO G 58 -50.56 -8.95 16.18
N ALA G 59 -51.68 -8.40 15.73
CA ALA G 59 -51.85 -8.10 14.32
C ALA G 59 -50.71 -7.21 13.81
N CYS G 60 -50.55 -6.04 14.42
CA CYS G 60 -49.52 -5.12 13.97
C CYS G 60 -48.11 -5.66 14.22
N ARG G 61 -47.96 -6.50 15.24
CA ARG G 61 -46.66 -7.11 15.51
C ARG G 61 -46.37 -8.19 14.49
N TYR G 62 -47.41 -8.92 14.07
CA TYR G 62 -47.23 -9.90 13.00
C TYR G 62 -46.93 -9.22 11.67
N ARG G 63 -47.60 -8.10 11.39
CA ARG G 63 -47.36 -7.39 10.14
C ARG G 63 -45.93 -6.89 10.06
N LYS G 64 -45.40 -6.33 11.16
CA LYS G 64 -43.99 -5.91 11.14
C LYS G 64 -43.07 -7.11 10.86
N CYS G 65 -43.38 -8.27 11.43
CA CYS G 65 -42.61 -9.47 11.14
C CYS G 65 -42.54 -9.75 9.64
N LEU G 66 -43.66 -9.55 8.94
CA LEU G 66 -43.66 -9.77 7.50
C LEU G 66 -42.96 -8.64 6.78
N GLN G 67 -43.24 -7.40 7.17
CA GLN G 67 -42.55 -6.28 6.56
C GLN G 67 -41.04 -6.41 6.70
N ALA G 68 -40.55 -7.04 7.78
CA ALA G 68 -39.13 -7.33 7.89
C ALA G 68 -38.71 -8.59 7.16
N GLY G 69 -39.65 -9.36 6.62
CA GLY G 69 -39.30 -10.48 5.78
C GLY G 69 -39.07 -11.81 6.47
N MET G 70 -39.68 -12.05 7.63
CA MET G 70 -39.53 -13.38 8.23
C MET G 70 -40.42 -14.39 7.52
N ASN G 71 -40.08 -15.66 7.70
CA ASN G 71 -40.71 -16.73 6.94
C ASN G 71 -40.84 -18.02 7.73
N LYS H 3 29.60 -2.66 15.08
CA LYS H 3 29.85 -1.45 14.34
C LYS H 3 31.28 -1.38 13.81
N LEU H 4 32.25 -1.75 14.65
CA LEU H 4 33.65 -1.67 14.26
C LEU H 4 34.21 -3.05 13.95
N CYS H 5 35.06 -3.10 12.94
CA CYS H 5 35.79 -4.33 12.61
C CYS H 5 36.64 -4.78 13.79
N LEU H 6 36.66 -6.09 14.04
CA LEU H 6 37.31 -6.60 15.24
C LEU H 6 38.80 -6.88 15.06
N VAL H 7 39.42 -6.44 13.97
CA VAL H 7 40.86 -6.67 13.85
C VAL H 7 41.58 -5.36 13.54
N CYS H 8 40.91 -4.42 12.88
CA CYS H 8 41.55 -3.16 12.54
C CYS H 8 40.83 -1.91 13.01
N SER H 9 39.62 -2.02 13.55
CA SER H 9 38.82 -0.93 14.10
C SER H 9 38.34 0.06 13.06
N ASP H 10 38.55 -0.22 11.76
CA ASP H 10 37.83 0.44 10.69
C ASP H 10 36.36 0.06 10.73
N GLU H 11 35.52 0.81 10.02
CA GLU H 11 34.09 0.52 10.04
C GLU H 11 33.83 -0.86 9.44
N ALA H 12 33.12 -1.68 10.22
CA ALA H 12 32.87 -3.06 9.83
C ALA H 12 31.96 -3.13 8.61
N SER H 13 32.00 -4.27 7.96
CA SER H 13 31.26 -4.49 6.73
C SER H 13 30.28 -5.65 6.82
N GLY H 14 30.57 -6.67 7.61
CA GLY H 14 29.68 -7.81 7.74
C GLY H 14 30.37 -8.96 8.44
N CYS H 15 29.77 -10.14 8.31
CA CYS H 15 30.38 -11.36 8.84
C CYS H 15 31.26 -11.97 7.76
N HIS H 16 32.53 -12.19 8.10
CA HIS H 16 33.48 -12.77 7.15
C HIS H 16 34.27 -13.84 7.88
N TYR H 17 34.10 -15.10 7.45
CA TYR H 17 34.74 -16.23 8.11
C TYR H 17 34.43 -16.24 9.60
N GLY H 18 33.23 -15.77 9.92
CA GLY H 18 32.70 -15.83 11.26
C GLY H 18 32.97 -14.62 12.12
N VAL H 19 33.55 -13.56 11.56
CA VAL H 19 33.98 -12.41 12.36
C VAL H 19 33.49 -11.12 11.70
N LEU H 20 32.99 -10.22 12.54
CA LEU H 20 32.69 -8.84 12.18
C LEU H 20 33.95 -8.20 11.65
N THR H 21 34.01 -7.89 10.36
CA THR H 21 35.28 -7.61 9.70
C THR H 21 35.05 -6.59 8.60
N CYS H 22 36.06 -5.75 8.35
CA CYS H 22 35.89 -4.84 7.22
C CYS H 22 36.23 -5.55 5.91
N GLY H 23 36.00 -4.87 4.79
CA GLY H 23 36.26 -5.50 3.49
C GLY H 23 37.74 -5.73 3.20
N SER H 24 38.61 -4.87 3.73
CA SER H 24 40.05 -5.05 3.54
C SER H 24 40.57 -6.25 4.35
N CYS H 25 40.06 -6.44 5.57
CA CYS H 25 40.50 -7.57 6.39
C CYS H 25 39.93 -8.90 5.88
N LYS H 26 38.72 -8.87 5.28
CA LYS H 26 38.21 -10.03 4.56
C LYS H 26 39.22 -10.51 3.52
N VAL H 27 39.69 -9.59 2.68
CA VAL H 27 40.55 -9.95 1.56
C VAL H 27 41.96 -10.32 2.03
N PHE H 28 42.48 -9.62 3.04
CA PHE H 28 43.81 -9.95 3.56
C PHE H 28 43.83 -11.38 4.11
N PHE H 29 42.89 -11.69 4.99
CA PHE H 29 42.87 -13.00 5.62
C PHE H 29 42.78 -14.11 4.58
N LYS H 30 41.95 -13.90 3.56
CA LYS H 30 41.75 -14.96 2.59
C LYS H 30 43.02 -15.14 1.77
N ARG H 31 43.60 -14.06 1.28
CA ARG H 31 44.86 -14.20 0.57
C ARG H 31 45.92 -14.78 1.50
N ALA H 32 45.91 -14.38 2.78
CA ALA H 32 46.90 -14.88 3.71
C ALA H 32 46.81 -16.39 3.87
N VAL H 33 45.60 -16.90 4.11
CA VAL H 33 45.43 -18.32 4.37
C VAL H 33 45.61 -19.15 3.09
N GLU H 34 45.25 -18.58 1.94
CA GLU H 34 45.37 -19.31 0.67
C GLU H 34 46.84 -19.55 0.31
N GLY H 35 47.63 -18.47 0.21
CA GLY H 35 49.02 -18.60 -0.14
C GLY H 35 49.91 -19.19 0.91
N GLN H 36 49.36 -19.50 2.10
CA GLN H 36 50.12 -19.80 3.30
C GLN H 36 51.36 -18.91 3.34
N HIS H 37 51.17 -17.66 3.70
CA HIS H 37 52.22 -16.68 3.48
C HIS H 37 53.33 -16.75 4.51
N ASN H 38 53.07 -17.35 5.68
CA ASN H 38 54.08 -17.51 6.73
C ASN H 38 54.69 -16.16 7.10
N TYR H 39 53.84 -15.17 7.36
CA TYR H 39 54.31 -13.87 7.80
C TYR H 39 55.08 -14.01 9.10
N LEU H 40 56.06 -13.12 9.29
CA LEU H 40 56.71 -12.93 10.57
C LEU H 40 56.83 -11.45 10.84
N CYS H 41 56.82 -11.10 12.13
CA CYS H 41 56.78 -9.72 12.58
C CYS H 41 58.20 -9.29 12.92
N ALA H 42 58.59 -8.10 12.47
CA ALA H 42 59.95 -7.62 12.66
C ALA H 42 60.17 -7.02 14.05
N GLY H 43 59.10 -6.74 14.78
CA GLY H 43 59.17 -6.24 16.13
C GLY H 43 59.00 -7.33 17.17
N ARG H 44 58.00 -7.19 18.05
CA ARG H 44 57.81 -8.11 19.17
C ARG H 44 56.44 -8.78 19.16
N ASN H 45 55.83 -8.91 17.98
CA ASN H 45 54.50 -9.52 17.85
C ASN H 45 53.48 -8.76 18.69
N ASP H 46 53.53 -7.44 18.58
CA ASP H 46 52.84 -6.54 19.48
C ASP H 46 52.28 -5.35 18.71
N CYS H 47 52.33 -5.41 17.39
CA CYS H 47 52.05 -4.21 16.61
C CYS H 47 50.60 -3.79 16.75
N ILE H 48 50.41 -2.50 16.97
CA ILE H 48 49.09 -1.90 16.83
C ILE H 48 48.58 -2.13 15.41
N ILE H 49 47.40 -2.70 15.30
CA ILE H 49 46.74 -2.90 14.02
C ILE H 49 45.50 -2.00 14.03
N ASP H 50 45.60 -0.84 13.39
CA ASP H 50 44.43 0.00 13.14
C ASP H 50 44.51 0.48 11.68
N LYS H 51 43.51 1.26 11.25
CA LYS H 51 43.39 1.60 9.83
C LYS H 51 44.71 2.16 9.27
N ILE H 52 45.34 3.08 10.01
CA ILE H 52 46.51 3.76 9.46
C ILE H 52 47.68 2.78 9.27
N ARG H 53 47.84 1.83 10.19
CA ARG H 53 49.04 1.02 10.25
C ARG H 53 48.87 -0.44 9.92
N ARG H 54 47.62 -0.89 9.65
CA ARG H 54 47.39 -2.33 9.45
C ARG H 54 48.28 -2.91 8.35
N LYS H 55 48.42 -2.20 7.23
CA LYS H 55 49.29 -2.72 6.18
C LYS H 55 50.74 -2.89 6.63
N ASN H 56 51.19 -2.19 7.70
CA ASN H 56 52.61 -2.19 8.02
C ASN H 56 53.13 -3.57 8.48
N CYS H 57 52.38 -4.35 9.24
CA CYS H 57 52.89 -5.64 9.70
C CYS H 57 51.85 -6.72 9.55
N PRO H 58 51.88 -7.48 8.47
CA PRO H 58 50.86 -8.50 8.25
C PRO H 58 50.94 -9.66 9.25
N ALA H 59 52.11 -9.95 9.81
CA ALA H 59 52.18 -11.00 10.82
C ALA H 59 51.24 -10.70 11.97
N CYS H 60 51.33 -9.49 12.52
CA CYS H 60 50.44 -9.12 13.61
C CYS H 60 49.01 -8.98 13.13
N ARG H 61 48.80 -8.50 11.89
CA ARG H 61 47.44 -8.39 11.37
C ARG H 61 46.78 -9.75 11.28
N TYR H 62 47.57 -10.78 10.98
CA TYR H 62 47.07 -12.14 10.88
C TYR H 62 46.89 -12.78 12.25
N ARG H 63 47.83 -12.52 13.17
CA ARG H 63 47.67 -12.93 14.56
C ARG H 63 46.33 -12.43 15.11
N LYS H 64 46.00 -11.17 14.87
CA LYS H 64 44.73 -10.65 15.35
C LYS H 64 43.54 -11.33 14.69
N CYS H 65 43.65 -11.72 13.42
CA CYS H 65 42.54 -12.45 12.80
C CYS H 65 42.27 -13.75 13.54
N LEU H 66 43.34 -14.49 13.85
CA LEU H 66 43.20 -15.74 14.59
C LEU H 66 42.66 -15.50 15.99
N GLN H 67 43.10 -14.42 16.64
CA GLN H 67 42.59 -14.13 17.97
C GLN H 67 41.14 -13.72 17.89
N ALA H 68 40.75 -13.04 16.82
CA ALA H 68 39.33 -12.81 16.59
C ALA H 68 38.58 -14.09 16.21
N GLY H 69 39.27 -15.13 15.77
CA GLY H 69 38.63 -16.41 15.51
C GLY H 69 38.18 -16.67 14.08
N MET H 70 38.72 -15.96 13.09
CA MET H 70 38.35 -16.22 11.70
C MET H 70 38.78 -17.63 11.28
N ASN H 71 38.06 -18.23 10.32
CA ASN H 71 38.50 -19.56 9.84
C ASN H 71 38.76 -19.69 8.32
#